data_4PKK
#
_entry.id   4PKK
#
_cell.length_a   95.702
_cell.length_b   95.702
_cell.length_c   103.662
_cell.angle_alpha   90.000
_cell.angle_beta   90.000
_cell.angle_gamma   120.000
#
_symmetry.space_group_name_H-M   'P 31 2 1'
#
loop_
_entity.id
_entity.type
_entity.pdbx_description
1 polymer 'Macrophage migration inhibitory factor'
2 non-polymer (Z)-[(furan-2-ylmethyl)imino]methanethiol
3 non-polymer GLYCEROL
4 non-polymer 'SULFATE ION'
5 non-polymer 'ISOPROPYL ALCOHOL'
6 water water
#
_entity_poly.entity_id   1
_entity_poly.type   'polypeptide(L)'
_entity_poly.pdbx_seq_one_letter_code
;PMFIVNTNVPRASVPDGFLSELTQQLAQATGKPPQYIAVHVVPDQLMAFGGSSEPCALCSLHSIGKIGGAQNRSYSKLLC
GLLAERLRISPDRVYINYYDMNAANVGWNNSTFA
;
_entity_poly.pdbx_strand_id   A,B,C
#
# COMPACT_ATOMS: atom_id res chain seq x y z
N PRO A 1 6.72 8.79 11.83
CA PRO A 1 5.58 8.49 10.96
C PRO A 1 5.91 8.55 9.49
N MET A 2 5.30 7.61 8.76
CA MET A 2 5.25 7.70 7.34
C MET A 2 3.82 7.75 6.91
N PHE A 3 3.56 8.70 6.02
CA PHE A 3 2.20 9.00 5.57
C PHE A 3 2.10 8.94 4.07
N ILE A 4 1.17 8.13 3.56
CA ILE A 4 0.95 7.97 2.12
C ILE A 4 -0.50 8.34 1.88
N VAL A 5 -0.69 9.18 0.85
CA VAL A 5 -2.04 9.56 0.37
C VAL A 5 -2.19 9.25 -1.11
N ASN A 6 -3.18 8.43 -1.43
CA ASN A 6 -3.60 8.13 -2.79
C ASN A 6 -4.90 8.87 -3.10
N THR A 7 -4.93 9.61 -4.20
CA THR A 7 -6.11 10.42 -4.47
C THR A 7 -6.38 10.55 -5.94
N ASN A 8 -7.62 10.79 -6.26
CA ASN A 8 -8.05 11.05 -7.62
C ASN A 8 -7.90 12.50 -8.01
N VAL A 9 -7.58 13.37 -7.07
CA VAL A 9 -7.38 14.78 -7.47
C VAL A 9 -6.16 14.87 -8.38
N PRO A 10 -6.19 15.75 -9.35
CA PRO A 10 -5.07 15.85 -10.29
C PRO A 10 -3.79 16.42 -9.67
N ARG A 11 -2.67 16.11 -10.25
CA ARG A 11 -1.35 16.56 -9.74
C ARG A 11 -1.29 18.05 -9.62
N ALA A 12 -1.90 18.75 -10.59
CA ALA A 12 -1.85 20.22 -10.58
C ALA A 12 -2.58 20.83 -9.42
N SER A 13 -3.50 20.11 -8.75
CA SER A 13 -4.19 20.54 -7.58
C SER A 13 -3.41 20.40 -6.26
N VAL A 14 -2.29 19.72 -6.31
CA VAL A 14 -1.46 19.59 -5.12
C VAL A 14 -0.63 20.88 -5.02
N PRO A 15 -0.75 21.61 -3.90
CA PRO A 15 -0.07 22.89 -3.87
C PRO A 15 1.41 22.73 -3.59
N ASP A 16 2.20 23.69 -4.11
CA ASP A 16 3.62 23.75 -3.78
C ASP A 16 3.73 23.80 -2.27
N GLY A 17 4.64 22.97 -1.78
CA GLY A 17 4.85 22.97 -0.34
C GLY A 17 4.06 21.96 0.45
N PHE A 18 3.19 21.20 -0.22
CA PHE A 18 2.32 20.28 0.52
C PHE A 18 3.12 19.20 1.23
N LEU A 19 4.12 18.61 0.58
CA LEU A 19 4.90 17.56 1.26
C LEU A 19 5.67 18.15 2.48
N SER A 20 6.18 19.37 2.31
CA SER A 20 6.83 20.05 3.46
C SER A 20 5.87 20.27 4.55
N GLU A 21 4.65 20.77 4.27
CA GLU A 21 3.70 20.96 5.30
C GLU A 21 3.36 19.68 6.03
N LEU A 22 3.11 18.60 5.26
CA LEU A 22 2.81 17.35 5.93
C LEU A 22 3.94 16.89 6.87
N THR A 23 5.17 17.06 6.42
CA THR A 23 6.33 16.69 7.23
C THR A 23 6.32 17.44 8.54
N GLN A 24 6.15 18.76 8.42
CA GLN A 24 6.17 19.62 9.58
C GLN A 24 5.11 19.31 10.55
N GLN A 25 3.88 19.19 10.01
CA GLN A 25 2.71 18.94 10.84
C GLN A 25 2.74 17.55 11.52
N LEU A 26 3.26 16.54 10.82
CA LEU A 26 3.38 15.23 11.40
C LEU A 26 4.48 15.20 12.48
N ALA A 27 5.55 15.97 12.31
CA ALA A 27 6.52 16.09 13.35
C ALA A 27 5.92 16.67 14.59
N GLN A 28 5.15 17.73 14.44
CA GLN A 28 4.54 18.37 15.60
C GLN A 28 3.55 17.40 16.25
N ALA A 29 2.78 16.71 15.42
CA ALA A 29 1.71 15.86 15.96
C ALA A 29 2.22 14.63 16.72
N THR A 30 3.31 14.06 16.26
CA THR A 30 3.85 12.83 16.86
C THR A 30 5.01 13.03 17.83
N GLY A 31 5.62 14.21 17.78
CA GLY A 31 6.85 14.53 18.57
C GLY A 31 8.07 13.89 17.97
N LYS A 32 8.02 13.31 16.79
CA LYS A 32 9.18 12.66 16.16
C LYS A 32 9.96 13.65 15.37
N PRO A 33 11.29 13.43 15.24
CA PRO A 33 12.09 14.39 14.45
C PRO A 33 11.73 14.35 12.98
N PRO A 34 11.68 15.51 12.32
CA PRO A 34 11.34 15.53 10.92
C PRO A 34 12.23 14.64 10.06
N GLN A 35 13.53 14.46 10.47
CA GLN A 35 14.42 13.62 9.66
C GLN A 35 13.85 12.24 9.36
N TYR A 36 13.09 11.69 10.29
CA TYR A 36 12.59 10.34 10.11
C TYR A 36 11.24 10.25 9.43
N ILE A 37 10.68 11.42 9.13
CA ILE A 37 9.29 11.47 8.57
C ILE A 37 9.32 11.34 7.08
N ALA A 38 8.50 10.43 6.54
CA ALA A 38 8.40 10.23 5.10
C ALA A 38 6.95 10.53 4.69
N VAL A 39 6.81 11.19 3.54
CA VAL A 39 5.50 11.54 3.02
C VAL A 39 5.48 11.20 1.55
N HIS A 40 4.29 10.75 1.06
CA HIS A 40 4.19 10.22 -0.33
C HIS A 40 2.79 10.55 -0.78
N VAL A 41 2.68 11.31 -1.84
CA VAL A 41 1.37 11.71 -2.38
C VAL A 41 1.25 11.18 -3.79
N VAL A 42 0.13 10.53 -4.09
CA VAL A 42 -0.08 9.87 -5.37
C VAL A 42 -1.39 10.37 -5.99
N PRO A 43 -1.31 11.37 -6.86
CA PRO A 43 -2.51 12.00 -7.44
C PRO A 43 -2.92 11.26 -8.70
N ASP A 44 -3.99 11.74 -9.30
CA ASP A 44 -4.48 11.23 -10.60
C ASP A 44 -4.90 9.75 -10.56
N GLN A 45 -5.32 9.25 -9.39
CA GLN A 45 -5.67 7.83 -9.29
C GLN A 45 -7.08 7.53 -9.73
N LEU A 46 -7.22 6.32 -10.22
CA LEU A 46 -8.52 5.77 -10.61
C LEU A 46 -9.12 5.17 -9.35
N MET A 47 -9.97 5.93 -8.68
CA MET A 47 -10.61 5.48 -7.48
C MET A 47 -12.05 5.96 -7.33
N ALA A 48 -12.80 5.28 -6.50
CA ALA A 48 -14.13 5.72 -6.18
C ALA A 48 -14.36 5.52 -4.71
N PHE A 49 -15.29 6.34 -4.16
CA PHE A 49 -15.68 6.22 -2.78
C PHE A 49 -17.19 6.30 -2.78
N GLY A 50 -17.85 5.30 -2.25
CA GLY A 50 -19.33 5.22 -2.28
C GLY A 50 -19.89 5.18 -3.72
N GLY A 51 -19.11 4.68 -4.64
CA GLY A 51 -19.56 4.57 -6.04
C GLY A 51 -19.55 5.85 -6.81
N SER A 52 -18.94 6.90 -6.25
CA SER A 52 -18.77 8.17 -6.81
C SER A 52 -17.34 8.53 -7.10
N SER A 53 -17.12 9.24 -8.18
CA SER A 53 -15.76 9.69 -8.59
C SER A 53 -15.43 11.09 -8.08
N GLU A 54 -16.26 11.66 -7.20
CA GLU A 54 -15.89 12.97 -6.59
C GLU A 54 -14.54 12.81 -5.83
N PRO A 55 -13.82 13.92 -5.62
CA PRO A 55 -12.51 13.83 -4.91
C PRO A 55 -12.63 12.98 -3.64
N CYS A 56 -11.63 12.10 -3.47
CA CYS A 56 -11.54 11.20 -2.37
C CYS A 56 -10.11 10.84 -2.11
N ALA A 57 -9.85 10.15 -1.00
CA ALA A 57 -8.43 9.73 -0.71
C ALA A 57 -8.41 8.50 0.12
N LEU A 58 -7.43 7.65 -0.12
CA LEU A 58 -7.14 6.49 0.69
C LEU A 58 -5.69 6.65 1.17
N CYS A 59 -5.57 6.63 2.49
CA CYS A 59 -4.28 6.96 3.12
C CYS A 59 -3.84 5.93 4.11
N SER A 60 -2.54 5.99 4.44
CA SER A 60 -2.01 5.18 5.54
C SER A 60 -1.05 5.98 6.38
N LEU A 61 -1.01 5.65 7.68
CA LEU A 61 0.03 6.26 8.56
C LEU A 61 0.65 5.11 9.35
N HIS A 62 1.94 4.87 9.14
CA HIS A 62 2.70 3.86 9.88
C HIS A 62 3.65 4.51 10.86
N SER A 63 3.62 4.06 12.11
CA SER A 63 4.53 4.61 13.15
C SER A 63 4.92 3.49 14.08
N ILE A 64 6.14 3.56 14.64
CA ILE A 64 6.52 2.68 15.74
C ILE A 64 6.09 3.36 17.02
N GLY A 65 4.96 2.93 17.55
CA GLY A 65 4.25 3.62 18.61
C GLY A 65 3.60 4.92 18.16
N LYS A 66 3.13 5.67 19.16
CA LYS A 66 2.37 6.93 18.97
C LYS A 66 1.07 6.67 18.23
N ILE A 67 0.57 5.47 18.32
CA ILE A 67 -0.74 5.07 17.72
C ILE A 67 -1.68 4.67 18.87
N GLY A 68 -2.90 5.16 18.82
CA GLY A 68 -3.90 4.75 19.79
C GLY A 68 -5.14 5.51 19.69
N GLY A 69 -6.12 5.20 20.54
CA GLY A 69 -7.40 5.81 20.35
C GLY A 69 -7.46 7.30 20.20
N ALA A 70 -6.98 8.04 21.23
CA ALA A 70 -7.04 9.48 21.15
C ALA A 70 -6.08 10.07 20.14
N GLN A 71 -4.91 9.49 20.07
CA GLN A 71 -3.89 9.97 19.14
C GLN A 71 -4.44 9.90 17.71
N ASN A 72 -5.02 8.73 17.37
CA ASN A 72 -5.54 8.56 16.00
C ASN A 72 -6.68 9.52 15.69
N ARG A 73 -7.56 9.82 16.63
CA ARG A 73 -8.54 10.86 16.43
C ARG A 73 -7.88 12.18 16.10
N SER A 74 -6.84 12.56 16.86
CA SER A 74 -6.17 13.79 16.58
C SER A 74 -5.48 13.84 15.20
N TYR A 75 -4.85 12.74 14.83
CA TYR A 75 -4.22 12.64 13.54
C TYR A 75 -5.25 12.75 12.44
N SER A 76 -6.39 12.13 12.65
CA SER A 76 -7.41 12.18 11.61
C SER A 76 -7.99 13.59 11.40
N LYS A 77 -8.16 14.33 12.49
CA LYS A 77 -8.58 15.71 12.38
C LYS A 77 -7.57 16.54 11.62
N LEU A 78 -6.29 16.36 11.95
CA LEU A 78 -5.23 17.07 11.31
C LEU A 78 -5.17 16.77 9.81
N LEU A 79 -5.14 15.46 9.50
CA LEU A 79 -4.89 15.03 8.16
C LEU A 79 -6.12 15.22 7.26
N CYS A 80 -7.32 14.88 7.75
CA CYS A 80 -8.52 15.22 6.98
C CYS A 80 -8.63 16.73 6.78
N GLY A 81 -8.27 17.53 7.79
CA GLY A 81 -8.26 18.99 7.65
C GLY A 81 -7.33 19.47 6.59
N LEU A 82 -6.10 18.90 6.50
CA LEU A 82 -5.18 19.23 5.42
C LEU A 82 -5.67 18.81 4.07
N LEU A 83 -6.25 17.59 3.96
CA LEU A 83 -6.74 17.20 2.68
C LEU A 83 -7.92 18.05 2.19
N ALA A 84 -8.72 18.50 3.12
CA ALA A 84 -9.84 19.39 2.78
C ALA A 84 -9.34 20.75 2.36
N GLU A 85 -8.48 21.34 3.20
CA GLU A 85 -8.01 22.72 2.92
C GLU A 85 -7.10 22.79 1.74
N ARG A 86 -6.20 21.84 1.63
CA ARG A 86 -5.21 21.90 0.59
C ARG A 86 -5.57 21.23 -0.75
N LEU A 87 -6.22 20.08 -0.67
CA LEU A 87 -6.61 19.36 -1.85
C LEU A 87 -8.12 19.38 -2.19
N ARG A 88 -8.94 20.07 -1.38
CA ARG A 88 -10.40 20.24 -1.59
C ARG A 88 -11.09 18.88 -1.63
N ILE A 89 -10.62 17.96 -0.82
CA ILE A 89 -11.28 16.64 -0.59
C ILE A 89 -12.13 16.69 0.66
N SER A 90 -13.43 16.36 0.51
CA SER A 90 -14.32 16.31 1.67
C SER A 90 -13.86 15.25 2.65
N PRO A 91 -13.87 15.55 3.94
CA PRO A 91 -13.39 14.60 4.93
C PRO A 91 -14.15 13.32 5.01
N ASP A 92 -15.40 13.33 4.60
CA ASP A 92 -16.22 12.14 4.58
C ASP A 92 -15.96 11.27 3.33
N ARG A 93 -14.93 11.58 2.56
CA ARG A 93 -14.46 10.77 1.43
C ARG A 93 -12.96 10.44 1.59
N VAL A 94 -12.56 10.29 2.83
CA VAL A 94 -11.16 9.89 3.17
C VAL A 94 -11.22 8.74 4.08
N TYR A 95 -10.38 7.74 3.84
CA TYR A 95 -10.04 6.76 4.85
C TYR A 95 -8.55 6.88 5.15
N ILE A 96 -8.19 6.72 6.39
CA ILE A 96 -6.80 6.64 6.83
C ILE A 96 -6.65 5.37 7.64
N ASN A 97 -5.83 4.46 7.17
CA ASN A 97 -5.50 3.28 7.95
C ASN A 97 -4.25 3.54 8.80
N TYR A 98 -4.34 3.32 10.11
CA TYR A 98 -3.24 3.50 11.03
C TYR A 98 -2.61 2.14 11.38
N TYR A 99 -1.26 2.08 11.41
CA TYR A 99 -0.52 0.86 11.72
C TYR A 99 0.51 1.20 12.81
N ASP A 100 0.41 0.48 13.92
CA ASP A 100 1.44 0.54 14.95
C ASP A 100 2.43 -0.54 14.68
N MET A 101 3.56 -0.22 14.09
CA MET A 101 4.52 -1.22 13.69
C MET A 101 5.43 -1.60 14.85
N ASN A 102 5.71 -2.89 14.94
CA ASN A 102 6.78 -3.36 15.86
C ASN A 102 8.09 -2.90 15.28
N ALA A 103 8.98 -2.40 16.14
CA ALA A 103 10.30 -1.93 15.66
C ALA A 103 11.08 -2.98 14.87
N ALA A 104 10.94 -4.24 15.25
CA ALA A 104 11.64 -5.36 14.61
C ALA A 104 11.16 -5.61 13.22
N ASN A 105 9.97 -5.02 12.89
CA ASN A 105 9.34 -5.17 11.59
C ASN A 105 9.48 -3.95 10.69
N VAL A 106 10.40 -3.03 11.03
CA VAL A 106 10.68 -1.88 10.21
C VAL A 106 12.18 -1.83 9.88
N GLY A 107 12.45 -2.00 8.61
CA GLY A 107 13.80 -1.92 8.03
C GLY A 107 14.13 -0.47 7.70
N TRP A 108 15.40 -0.14 7.96
CA TRP A 108 15.93 1.18 7.71
C TRP A 108 17.48 1.11 7.79
N ASN A 109 18.18 1.73 6.86
CA ASN A 109 19.66 1.89 6.99
C ASN A 109 20.38 0.59 7.18
N ASN A 110 20.04 -0.38 6.33
CA ASN A 110 20.70 -1.70 6.35
C ASN A 110 20.40 -2.62 7.54
N SER A 111 19.44 -2.26 8.38
CA SER A 111 19.05 -3.10 9.50
C SER A 111 17.64 -2.75 9.89
N THR A 112 17.23 -3.18 11.07
CA THR A 112 15.89 -2.85 11.56
C THR A 112 16.02 -2.06 12.86
N PHE A 113 14.94 -1.43 13.27
CA PHE A 113 14.96 -0.71 14.51
C PHE A 113 14.82 -1.67 15.70
N PRO B 1 -15.77 -2.24 3.39
CA PRO B 1 -14.56 -2.67 2.71
C PRO B 1 -13.91 -1.62 1.80
N MET B 2 -12.59 -1.60 1.80
CA MET B 2 -11.85 -0.88 0.78
C MET B 2 -10.93 -1.84 0.06
N PHE B 3 -10.92 -1.77 -1.25
CA PHE B 3 -10.24 -2.72 -2.13
C PHE B 3 -9.32 -1.99 -3.08
N ILE B 4 -8.03 -2.33 -3.06
CA ILE B 4 -7.05 -1.78 -3.92
C ILE B 4 -6.41 -2.84 -4.77
N VAL B 5 -6.32 -2.58 -6.06
CA VAL B 5 -5.70 -3.53 -7.00
C VAL B 5 -4.54 -2.83 -7.73
N ASN B 6 -3.35 -3.39 -7.65
CA ASN B 6 -2.19 -2.97 -8.41
C ASN B 6 -1.91 -4.00 -9.53
N THR B 7 -1.81 -3.54 -10.77
CA THR B 7 -1.66 -4.51 -11.83
C THR B 7 -0.80 -3.95 -12.94
N ASN B 8 -0.23 -4.89 -13.69
CA ASN B 8 0.50 -4.51 -14.88
C ASN B 8 -0.34 -4.42 -16.17
N VAL B 9 -1.63 -4.74 -16.06
CA VAL B 9 -2.54 -4.54 -17.22
C VAL B 9 -2.54 -3.05 -17.55
N PRO B 10 -2.57 -2.69 -18.81
CA PRO B 10 -2.62 -1.28 -19.19
C PRO B 10 -3.94 -0.53 -18.82
N ARG B 11 -3.83 0.77 -18.64
CA ARG B 11 -4.93 1.61 -18.25
C ARG B 11 -6.11 1.43 -19.23
N ALA B 12 -5.77 1.28 -20.53
CA ALA B 12 -6.86 1.17 -21.53
C ALA B 12 -7.63 -0.10 -21.41
N SER B 13 -7.08 -1.09 -20.76
CA SER B 13 -7.75 -2.39 -20.53
C SER B 13 -8.61 -2.43 -19.32
N VAL B 14 -8.58 -1.37 -18.50
CA VAL B 14 -9.43 -1.34 -17.30
C VAL B 14 -10.82 -0.77 -17.71
N PRO B 15 -11.87 -1.56 -17.61
CA PRO B 15 -13.15 -1.07 -18.08
C PRO B 15 -13.64 0.10 -17.27
N ASP B 16 -14.37 1.02 -17.95
CA ASP B 16 -14.87 2.23 -17.28
C ASP B 16 -15.81 1.95 -16.05
N GLY B 17 -16.51 0.84 -16.12
CA GLY B 17 -17.43 0.43 -15.10
C GLY B 17 -16.87 -0.42 -13.98
N PHE B 18 -15.58 -0.72 -14.07
CA PHE B 18 -14.95 -1.64 -13.15
C PHE B 18 -15.06 -1.16 -11.69
N LEU B 19 -14.76 0.10 -11.40
CA LEU B 19 -14.85 0.54 -9.99
C LEU B 19 -16.27 0.39 -9.44
N SER B 20 -17.26 0.72 -10.24
CA SER B 20 -18.65 0.62 -9.80
C SER B 20 -19.09 -0.81 -9.65
N GLU B 21 -18.66 -1.70 -10.53
CA GLU B 21 -18.96 -3.12 -10.39
C GLU B 21 -18.37 -3.71 -9.13
N LEU B 22 -17.11 -3.41 -8.90
CA LEU B 22 -16.47 -3.85 -7.67
C LEU B 22 -17.23 -3.31 -6.43
N THR B 23 -17.59 -2.04 -6.46
CA THR B 23 -18.31 -1.42 -5.34
C THR B 23 -19.56 -2.19 -4.98
N GLN B 24 -20.35 -2.43 -6.02
CA GLN B 24 -21.61 -3.16 -5.88
C GLN B 24 -21.41 -4.62 -5.38
N GLN B 25 -20.45 -5.34 -5.97
CA GLN B 25 -20.18 -6.68 -5.58
C GLN B 25 -19.65 -6.80 -4.15
N LEU B 26 -18.81 -5.86 -3.76
CA LEU B 26 -18.33 -5.84 -2.41
C LEU B 26 -19.44 -5.53 -1.41
N ALA B 27 -20.35 -4.65 -1.79
CA ALA B 27 -21.50 -4.39 -0.89
C ALA B 27 -22.34 -5.67 -0.65
N GLN B 28 -22.57 -6.39 -1.73
CA GLN B 28 -23.36 -7.65 -1.60
C GLN B 28 -22.57 -8.66 -0.79
N ALA B 29 -21.25 -8.71 -0.96
CA ALA B 29 -20.42 -9.76 -0.30
C ALA B 29 -20.31 -9.52 1.19
N THR B 30 -20.29 -8.24 1.59
CA THR B 30 -20.06 -7.91 2.95
C THR B 30 -21.32 -7.51 3.71
N GLY B 31 -22.41 -7.24 2.99
CA GLY B 31 -23.62 -6.67 3.53
C GLY B 31 -23.53 -5.22 3.96
N LYS B 32 -22.48 -4.52 3.60
CA LYS B 32 -22.29 -3.10 3.93
C LYS B 32 -22.94 -2.23 2.86
N PRO B 33 -23.52 -1.10 3.24
CA PRO B 33 -23.98 -0.13 2.27
C PRO B 33 -22.85 0.28 1.27
N PRO B 34 -23.18 0.47 0.01
CA PRO B 34 -22.15 0.83 -0.96
C PRO B 34 -21.53 2.17 -0.69
N GLN B 35 -22.22 3.07 0.07
CA GLN B 35 -21.62 4.41 0.33
C GLN B 35 -20.32 4.29 1.09
N TYR B 36 -20.15 3.23 1.89
CA TYR B 36 -18.95 3.08 2.70
C TYR B 36 -17.74 2.55 1.94
N ILE B 37 -18.00 2.09 0.74
CA ILE B 37 -17.04 1.22 0.04
C ILE B 37 -16.14 2.04 -0.88
N ALA B 38 -14.85 1.80 -0.80
CA ALA B 38 -13.88 2.52 -1.62
C ALA B 38 -13.10 1.52 -2.43
N VAL B 39 -12.83 1.90 -3.67
CA VAL B 39 -12.13 1.01 -4.61
C VAL B 39 -11.09 1.81 -5.35
N HIS B 40 -9.97 1.20 -5.67
CA HIS B 40 -8.81 1.90 -6.26
C HIS B 40 -8.12 0.87 -7.18
N VAL B 41 -7.93 1.22 -8.43
CA VAL B 41 -7.22 0.38 -9.41
C VAL B 41 -6.05 1.12 -9.97
N VAL B 42 -4.89 0.46 -9.96
CA VAL B 42 -3.64 1.09 -10.31
C VAL B 42 -3.03 0.23 -11.47
N PRO B 43 -3.25 0.66 -12.72
CA PRO B 43 -2.76 -0.09 -13.87
C PRO B 43 -1.36 0.36 -14.29
N ASP B 44 -0.86 -0.29 -15.33
CA ASP B 44 0.44 0.06 -15.90
C ASP B 44 1.66 -0.17 -14.99
N GLN B 45 1.55 -1.05 -14.00
CA GLN B 45 2.58 -1.21 -13.00
C GLN B 45 3.72 -2.11 -13.51
N LEU B 46 4.92 -1.81 -13.04
CA LEU B 46 6.10 -2.65 -13.26
C LEU B 46 6.13 -3.74 -12.24
N MET B 47 5.70 -4.91 -12.63
CA MET B 47 5.56 -6.02 -11.71
C MET B 47 5.96 -7.36 -12.31
N ALA B 48 6.33 -8.29 -11.47
CA ALA B 48 6.45 -9.70 -11.88
C ALA B 48 5.88 -10.58 -10.82
N PHE B 49 5.41 -11.79 -11.23
CA PHE B 49 4.76 -12.71 -10.40
C PHE B 49 5.32 -14.06 -10.86
N GLY B 50 6.03 -14.72 -9.97
CA GLY B 50 6.64 -16.04 -10.34
C GLY B 50 7.70 -15.86 -11.38
N GLY B 51 8.33 -14.70 -11.39
CA GLY B 51 9.38 -14.40 -12.38
C GLY B 51 8.94 -14.14 -13.80
N SER B 52 7.63 -13.94 -13.98
CA SER B 52 7.03 -13.64 -15.27
C SER B 52 6.28 -12.27 -15.26
N SER B 53 6.27 -11.60 -16.40
CA SER B 53 5.59 -10.37 -16.59
C SER B 53 4.20 -10.48 -17.23
N GLU B 54 3.68 -11.70 -17.32
CA GLU B 54 2.31 -11.92 -17.76
C GLU B 54 1.35 -11.12 -16.76
N PRO B 55 0.10 -10.86 -17.16
CA PRO B 55 -0.83 -10.11 -16.31
C PRO B 55 -0.90 -10.73 -14.95
N CYS B 56 -0.86 -9.84 -13.94
CA CYS B 56 -0.89 -10.25 -12.55
C CYS B 56 -1.53 -9.08 -11.70
N ALA B 57 -1.82 -9.39 -10.44
CA ALA B 57 -2.34 -8.33 -9.54
C ALA B 57 -1.91 -8.60 -8.14
N LEU B 58 -1.59 -7.53 -7.44
CA LEU B 58 -1.34 -7.52 -5.99
C LEU B 58 -2.42 -6.58 -5.42
N CYS B 59 -3.20 -7.15 -4.51
CA CYS B 59 -4.43 -6.50 -4.03
C CYS B 59 -4.47 -6.49 -2.50
N SER B 60 -5.29 -5.57 -1.95
CA SER B 60 -5.61 -5.54 -0.54
C SER B 60 -7.09 -5.33 -0.30
N LEU B 61 -7.59 -5.92 0.77
CA LEU B 61 -8.97 -5.65 1.19
C LEU B 61 -8.88 -5.32 2.68
N HIS B 62 -9.29 -4.12 3.04
CA HIS B 62 -9.36 -3.72 4.48
C HIS B 62 -10.80 -3.55 4.88
N SER B 63 -11.16 -4.09 6.05
CA SER B 63 -12.51 -3.98 6.59
C SER B 63 -12.45 -3.93 8.11
N ILE B 64 -13.41 -3.25 8.79
CA ILE B 64 -13.57 -3.34 10.24
C ILE B 64 -14.54 -4.51 10.43
N GLY B 65 -14.00 -5.68 10.75
CA GLY B 65 -14.75 -6.90 10.77
C GLY B 65 -15.03 -7.40 9.39
N LYS B 66 -15.86 -8.48 9.35
CA LYS B 66 -16.18 -9.18 8.10
C LYS B 66 -14.93 -9.85 7.44
N ILE B 67 -13.91 -10.12 8.26
CA ILE B 67 -12.66 -10.73 7.79
C ILE B 67 -12.51 -12.00 8.62
N GLY B 68 -12.19 -13.09 7.95
CA GLY B 68 -11.92 -14.30 8.70
C GLY B 68 -11.77 -15.47 7.77
N GLY B 69 -11.50 -16.66 8.31
CA GLY B 69 -11.08 -17.74 7.43
C GLY B 69 -12.07 -18.03 6.29
N ALA B 70 -13.34 -18.30 6.63
CA ALA B 70 -14.32 -18.64 5.60
C ALA B 70 -14.72 -17.45 4.70
N GLN B 71 -14.84 -16.28 5.33
CA GLN B 71 -15.22 -15.07 4.57
C GLN B 71 -14.12 -14.77 3.57
N ASN B 72 -12.86 -14.91 3.97
CA ASN B 72 -11.78 -14.61 3.06
C ASN B 72 -11.68 -15.60 1.88
N ARG B 73 -11.96 -16.85 2.14
CA ARG B 73 -12.06 -17.84 1.07
C ARG B 73 -13.13 -17.50 0.07
N SER B 74 -14.22 -16.94 0.55
CA SER B 74 -15.31 -16.50 -0.34
C SER B 74 -14.91 -15.27 -1.14
N TYR B 75 -14.31 -14.27 -0.45
CA TYR B 75 -13.92 -13.04 -1.12
C TYR B 75 -12.92 -13.34 -2.22
N SER B 76 -12.01 -14.31 -2.02
CA SER B 76 -11.06 -14.64 -3.05
C SER B 76 -11.68 -15.17 -4.32
N LYS B 77 -12.73 -15.92 -4.17
CA LYS B 77 -13.50 -16.36 -5.37
C LYS B 77 -14.18 -15.22 -6.09
N LEU B 78 -14.82 -14.37 -5.30
CA LEU B 78 -15.46 -13.18 -5.89
C LEU B 78 -14.46 -12.33 -6.67
N LEU B 79 -13.34 -12.03 -6.00
CA LEU B 79 -12.39 -11.03 -6.51
C LEU B 79 -11.59 -11.66 -7.63
N CYS B 80 -11.14 -12.91 -7.50
CA CYS B 80 -10.47 -13.52 -8.61
C CYS B 80 -11.39 -13.59 -9.83
N GLY B 81 -12.67 -13.82 -9.63
CA GLY B 81 -13.62 -13.88 -10.78
C GLY B 81 -13.75 -12.58 -11.52
N LEU B 82 -13.81 -11.48 -10.73
CA LEU B 82 -13.87 -10.17 -11.34
C LEU B 82 -12.60 -9.75 -12.05
N LEU B 83 -11.43 -10.02 -11.44
CA LEU B 83 -10.17 -9.74 -12.09
C LEU B 83 -9.94 -10.62 -13.35
N ALA B 84 -10.42 -11.87 -13.28
CA ALA B 84 -10.25 -12.69 -14.45
C ALA B 84 -11.10 -12.21 -15.63
N GLU B 85 -12.37 -11.96 -15.38
CA GLU B 85 -13.29 -11.54 -16.50
C GLU B 85 -12.92 -10.14 -16.99
N ARG B 86 -12.80 -9.18 -16.07
CA ARG B 86 -12.69 -7.80 -16.51
C ARG B 86 -11.28 -7.32 -16.82
N LEU B 87 -10.29 -7.91 -16.14
CA LEU B 87 -8.88 -7.57 -16.42
C LEU B 87 -8.06 -8.62 -17.13
N ARG B 88 -8.66 -9.76 -17.37
CA ARG B 88 -8.04 -10.88 -18.11
C ARG B 88 -6.85 -11.42 -17.36
N ILE B 89 -6.87 -11.36 -16.04
CA ILE B 89 -5.76 -11.87 -15.22
C ILE B 89 -6.05 -13.30 -14.74
N SER B 90 -5.11 -14.19 -14.96
CA SER B 90 -5.28 -15.57 -14.45
C SER B 90 -5.36 -15.58 -12.93
N PRO B 91 -6.24 -16.38 -12.29
CA PRO B 91 -6.43 -16.30 -10.82
C PRO B 91 -5.29 -16.75 -10.00
N ASP B 92 -4.39 -17.56 -10.60
CA ASP B 92 -3.18 -17.95 -9.98
C ASP B 92 -2.05 -16.95 -10.04
N ARG B 93 -2.37 -15.77 -10.55
CA ARG B 93 -1.44 -14.63 -10.60
C ARG B 93 -1.97 -13.40 -9.82
N VAL B 94 -2.74 -13.72 -8.80
CA VAL B 94 -3.37 -12.71 -7.95
C VAL B 94 -3.07 -13.03 -6.51
N TYR B 95 -2.53 -12.04 -5.74
CA TYR B 95 -2.58 -12.10 -4.34
C TYR B 95 -3.45 -11.03 -3.77
N ILE B 96 -4.19 -11.39 -2.72
CA ILE B 96 -5.03 -10.47 -2.00
C ILE B 96 -4.64 -10.54 -0.53
N ASN B 97 -4.12 -9.45 0.03
CA ASN B 97 -3.86 -9.40 1.47
C ASN B 97 -5.15 -8.84 2.17
N TYR B 98 -5.64 -9.58 3.15
CA TYR B 98 -6.80 -9.20 3.91
C TYR B 98 -6.38 -8.62 5.25
N TYR B 99 -7.04 -7.51 5.67
CA TYR B 99 -6.73 -6.81 6.91
C TYR B 99 -8.00 -6.51 7.66
N ASP B 100 -8.07 -7.05 8.86
CA ASP B 100 -9.19 -6.80 9.76
C ASP B 100 -8.75 -5.61 10.65
N MET B 101 -9.26 -4.44 10.37
CA MET B 101 -8.80 -3.22 11.03
C MET B 101 -9.62 -3.01 12.28
N ASN B 102 -8.93 -2.64 13.37
CA ASN B 102 -9.60 -2.15 14.52
C ASN B 102 -10.26 -0.79 14.20
N ALA B 103 -11.48 -0.55 14.71
CA ALA B 103 -12.16 0.72 14.47
C ALA B 103 -11.34 1.97 14.90
N ALA B 104 -10.55 1.81 15.97
CA ALA B 104 -9.72 2.90 16.47
C ALA B 104 -8.55 3.22 15.53
N ASN B 105 -8.29 2.30 14.61
CA ASN B 105 -7.20 2.44 13.65
C ASN B 105 -7.67 2.80 12.23
N VAL B 106 -8.91 3.26 12.10
CA VAL B 106 -9.41 3.74 10.82
C VAL B 106 -9.98 5.12 10.99
N GLY B 107 -9.31 6.07 10.33
CA GLY B 107 -9.72 7.44 10.21
C GLY B 107 -10.72 7.68 9.09
N TRP B 108 -11.65 8.59 9.35
CA TRP B 108 -12.67 9.00 8.41
C TRP B 108 -13.36 10.25 8.99
N ASN B 109 -13.62 11.22 8.16
CA ASN B 109 -14.42 12.36 8.52
C ASN B 109 -13.90 13.04 9.78
N ASN B 110 -12.62 13.33 9.78
CA ASN B 110 -11.97 14.03 10.88
C ASN B 110 -11.87 13.32 12.22
N SER B 111 -12.19 12.02 12.23
CA SER B 111 -12.15 11.23 13.44
C SER B 111 -12.01 9.77 13.07
N THR B 112 -12.09 8.89 14.06
CA THR B 112 -11.98 7.48 13.77
C THR B 112 -13.30 6.84 14.12
N PHE B 113 -13.41 5.55 13.85
CA PHE B 113 -14.66 4.84 14.09
C PHE B 113 -14.81 4.34 15.47
N ALA B 114 -13.82 4.54 16.30
CA ALA B 114 -13.96 4.10 17.73
C ALA B 114 -14.97 4.91 18.49
N PRO C 1 7.42 -14.60 -0.52
CA PRO C 1 7.51 -13.11 -0.35
C PRO C 1 6.94 -12.33 -1.48
N MET C 2 6.32 -11.21 -1.12
CA MET C 2 6.01 -10.19 -2.08
C MET C 2 6.58 -8.88 -1.63
N PHE C 3 7.31 -8.26 -2.51
CA PHE C 3 8.09 -7.06 -2.22
C PHE C 3 7.69 -5.95 -3.14
N ILE C 4 7.35 -4.79 -2.55
CA ILE C 4 7.01 -3.63 -3.26
C ILE C 4 7.90 -2.45 -2.89
N VAL C 5 8.34 -1.73 -3.89
CA VAL C 5 9.20 -0.53 -3.70
C VAL C 5 8.57 0.65 -4.36
N ASN C 6 8.32 1.73 -3.69
CA ASN C 6 7.85 3.03 -4.10
C ASN C 6 9.00 4.02 -3.98
N THR C 7 9.32 4.67 -5.06
CA THR C 7 10.50 5.53 -5.07
C THR C 7 10.30 6.75 -5.94
N ASN C 8 11.02 7.82 -5.61
CA ASN C 8 11.04 9.01 -6.41
C ASN C 8 12.08 8.94 -7.51
N VAL C 9 12.90 7.89 -7.55
CA VAL C 9 13.87 7.72 -8.63
C VAL C 9 13.12 7.57 -9.94
N PRO C 10 13.56 8.12 -10.99
CA PRO C 10 12.78 8.06 -12.25
C PRO C 10 12.90 6.70 -12.96
N ARG C 11 11.90 6.42 -13.75
CA ARG C 11 11.76 5.11 -14.36
C ARG C 11 13.01 4.70 -15.12
N ALA C 12 13.62 5.69 -15.78
CA ALA C 12 14.82 5.39 -16.66
C ALA C 12 15.99 4.93 -15.89
N SER C 13 16.05 5.23 -14.59
CA SER C 13 17.09 4.78 -13.67
C SER C 13 16.88 3.39 -13.10
N VAL C 14 15.76 2.74 -13.39
CA VAL C 14 15.52 1.42 -12.93
C VAL C 14 16.15 0.48 -13.96
N PRO C 15 17.18 -0.30 -13.56
CA PRO C 15 17.83 -1.12 -14.62
C PRO C 15 16.93 -2.21 -15.18
N ASP C 16 17.06 -2.48 -16.48
CA ASP C 16 16.48 -3.69 -17.01
C ASP C 16 17.09 -4.83 -16.19
N GLY C 17 16.25 -5.74 -15.85
CA GLY C 17 16.69 -6.85 -15.06
C GLY C 17 16.47 -6.73 -13.54
N PHE C 18 16.05 -5.54 -13.09
CA PHE C 18 15.89 -5.31 -11.64
C PHE C 18 14.80 -6.22 -11.07
N LEU C 19 13.64 -6.36 -11.73
CA LEU C 19 12.63 -7.24 -11.12
C LEU C 19 13.07 -8.68 -11.04
N SER C 20 13.80 -9.13 -12.05
CA SER C 20 14.32 -10.49 -12.00
C SER C 20 15.31 -10.72 -10.90
N GLU C 21 16.16 -9.71 -10.70
CA GLU C 21 17.18 -9.74 -9.64
C GLU C 21 16.54 -9.77 -8.31
N LEU C 22 15.51 -8.95 -8.10
CA LEU C 22 14.81 -9.06 -6.85
C LEU C 22 14.15 -10.42 -6.62
N THR C 23 13.53 -10.97 -7.66
CA THR C 23 12.88 -12.25 -7.53
C THR C 23 13.90 -13.33 -7.08
N GLN C 24 15.02 -13.32 -7.77
CA GLN C 24 16.09 -14.31 -7.51
C GLN C 24 16.72 -14.17 -6.14
N GLN C 25 16.98 -12.94 -5.75
CA GLN C 25 17.53 -12.69 -4.40
C GLN C 25 16.60 -12.96 -3.27
N LEU C 26 15.29 -12.68 -3.49
CA LEU C 26 14.34 -13.07 -2.51
C LEU C 26 14.10 -14.59 -2.38
N ALA C 27 14.21 -15.28 -3.50
CA ALA C 27 14.12 -16.74 -3.45
C ALA C 27 15.30 -17.30 -2.62
N GLN C 28 16.48 -16.79 -2.86
CA GLN C 28 17.69 -17.25 -2.08
C GLN C 28 17.52 -16.90 -0.59
N ALA C 29 17.05 -15.68 -0.32
CA ALA C 29 16.89 -15.22 1.07
C ALA C 29 15.87 -15.93 1.91
N THR C 30 14.74 -16.34 1.31
CA THR C 30 13.64 -16.90 2.05
C THR C 30 13.52 -18.41 1.91
N GLY C 31 14.17 -18.97 0.90
CA GLY C 31 14.04 -20.35 0.52
C GLY C 31 12.72 -20.71 -0.14
N LYS C 32 11.94 -19.70 -0.51
CA LYS C 32 10.69 -19.99 -1.13
C LYS C 32 10.91 -20.18 -2.63
N PRO C 33 10.10 -21.02 -3.24
CA PRO C 33 10.19 -21.18 -4.71
C PRO C 33 9.82 -19.88 -5.42
N PRO C 34 10.55 -19.54 -6.48
CA PRO C 34 10.33 -18.32 -7.21
C PRO C 34 8.90 -18.28 -7.77
N GLN C 35 8.22 -19.42 -7.96
CA GLN C 35 6.82 -19.44 -8.47
C GLN C 35 5.85 -18.55 -7.67
N TYR C 36 6.11 -18.38 -6.37
CA TYR C 36 5.22 -17.66 -5.49
C TYR C 36 5.67 -16.24 -5.22
N ILE C 37 6.83 -15.89 -5.74
CA ILE C 37 7.41 -14.57 -5.41
C ILE C 37 6.88 -13.49 -6.34
N ALA C 38 6.43 -12.37 -5.75
CA ALA C 38 5.98 -11.23 -6.56
C ALA C 38 6.78 -9.98 -6.18
N VAL C 39 7.08 -9.19 -7.17
CA VAL C 39 7.87 -7.98 -7.00
C VAL C 39 7.22 -6.86 -7.79
N HIS C 40 7.35 -5.62 -7.30
CA HIS C 40 6.60 -4.53 -7.85
C HIS C 40 7.39 -3.27 -7.54
N VAL C 41 7.75 -2.54 -8.58
CA VAL C 41 8.58 -1.32 -8.44
C VAL C 41 7.80 -0.18 -8.99
N VAL C 42 7.71 0.92 -8.21
CA VAL C 42 6.93 2.09 -8.58
C VAL C 42 7.82 3.33 -8.57
N PRO C 43 8.33 3.74 -9.75
CA PRO C 43 9.23 4.89 -9.84
C PRO C 43 8.43 6.21 -10.03
N ASP C 44 9.18 7.29 -10.07
CA ASP C 44 8.66 8.59 -10.40
C ASP C 44 7.69 9.15 -9.35
N GLN C 45 7.77 8.69 -8.09
CA GLN C 45 6.79 9.08 -7.07
C GLN C 45 7.10 10.44 -6.50
N LEU C 46 6.07 11.12 -6.12
CA LEU C 46 6.15 12.41 -5.38
C LEU C 46 6.27 12.11 -3.90
N MET C 47 7.58 12.28 -3.44
CA MET C 47 7.92 11.71 -2.16
C MET C 47 8.89 12.59 -1.37
N ALA C 48 8.88 12.56 -0.10
CA ALA C 48 9.95 13.22 0.65
C ALA C 48 10.29 12.33 1.82
N PHE C 49 11.55 12.42 2.26
CA PHE C 49 12.04 11.69 3.42
C PHE C 49 12.86 12.72 4.15
N GLY C 50 12.52 12.96 5.39
CA GLY C 50 13.29 13.95 6.22
C GLY C 50 13.15 15.34 5.67
N GLY C 51 12.07 15.60 4.96
CA GLY C 51 11.79 16.91 4.34
C GLY C 51 12.54 17.23 3.06
N SER C 52 13.24 16.23 2.52
CA SER C 52 14.07 16.35 1.37
C SER C 52 13.51 15.49 0.24
N SER C 53 13.71 15.97 -0.99
CA SER C 53 13.33 15.22 -2.20
C SER C 53 14.48 14.42 -2.81
N GLU C 54 15.62 14.25 -2.09
CA GLU C 54 16.70 13.37 -2.53
C GLU C 54 16.12 11.93 -2.69
N PRO C 55 16.81 11.07 -3.45
CA PRO C 55 16.28 9.70 -3.65
C PRO C 55 15.94 9.04 -2.33
N CYS C 56 14.78 8.40 -2.31
CA CYS C 56 14.29 7.71 -1.12
C CYS C 56 13.35 6.56 -1.59
N ALA C 57 12.99 5.66 -0.66
CA ALA C 57 12.07 4.57 -1.02
C ALA C 57 11.25 4.21 0.20
N LEU C 58 9.99 3.84 -0.04
CA LEU C 58 9.11 3.25 0.97
C LEU C 58 8.69 1.88 0.40
N CYS C 59 8.93 0.86 1.19
CA CYS C 59 8.84 -0.54 0.69
C CYS C 59 8.07 -1.37 1.66
N SER C 60 7.60 -2.53 1.17
CA SER C 60 6.98 -3.53 2.03
C SER C 60 7.39 -4.94 1.61
N LEU C 61 7.46 -5.83 2.59
CA LEU C 61 7.67 -7.28 2.36
C LEU C 61 6.60 -8.00 3.11
N HIS C 62 5.74 -8.74 2.39
CA HIS C 62 4.72 -9.59 3.02
C HIS C 62 5.11 -11.05 2.77
N SER C 63 5.04 -11.79 3.84
CA SER C 63 5.32 -13.25 3.82
C SER C 63 4.45 -13.96 4.78
N ILE C 64 4.15 -15.25 4.49
CA ILE C 64 3.52 -16.13 5.50
C ILE C 64 4.64 -16.92 6.24
N GLY C 65 5.02 -16.42 7.37
CA GLY C 65 6.25 -16.83 8.08
C GLY C 65 7.50 -16.26 7.45
N LYS C 66 8.64 -16.72 8.00
CA LYS C 66 9.97 -16.27 7.55
C LYS C 66 10.13 -14.77 7.87
N ILE C 67 9.41 -14.30 8.88
CA ILE C 67 9.54 -12.90 9.34
C ILE C 67 9.91 -12.92 10.82
N GLY C 68 10.92 -12.14 11.19
CA GLY C 68 11.28 -12.11 12.60
C GLY C 68 12.49 -11.24 12.82
N GLY C 69 12.92 -11.10 14.07
CA GLY C 69 14.00 -10.16 14.31
C GLY C 69 15.25 -10.27 13.47
N ALA C 70 15.97 -11.41 13.59
CA ALA C 70 17.19 -11.59 12.84
C ALA C 70 16.94 -11.69 11.32
N GLN C 71 15.88 -12.36 10.94
CA GLN C 71 15.57 -12.55 9.56
C GLN C 71 15.35 -11.16 8.93
N ASN C 72 14.61 -10.30 9.65
CA ASN C 72 14.28 -9.00 9.04
C ASN C 72 15.50 -8.12 8.91
N ARG C 73 16.41 -8.25 9.85
CA ARG C 73 17.68 -7.54 9.72
C ARG C 73 18.47 -7.95 8.48
N SER C 74 18.51 -9.26 8.24
CA SER C 74 19.15 -9.78 7.07
C SER C 74 18.49 -9.27 5.78
N TYR C 75 17.13 -9.34 5.71
CA TYR C 75 16.41 -8.84 4.55
C TYR C 75 16.71 -7.37 4.34
N SER C 76 16.82 -6.59 5.42
CA SER C 76 17.03 -5.18 5.24
C SER C 76 18.42 -4.85 4.67
N LYS C 77 19.43 -5.61 5.12
CA LYS C 77 20.78 -5.49 4.55
C LYS C 77 20.73 -5.80 3.08
N LEU C 78 20.11 -6.91 2.74
CA LEU C 78 19.98 -7.36 1.33
C LEU C 78 19.33 -6.28 0.45
N LEU C 79 18.13 -5.86 0.93
CA LEU C 79 17.26 -5.04 0.12
C LEU C 79 17.76 -3.60 0.04
N CYS C 80 18.24 -3.03 1.16
CA CYS C 80 18.86 -1.73 1.09
C CYS C 80 20.08 -1.81 0.18
N GLY C 81 20.81 -2.93 0.26
CA GLY C 81 21.98 -3.07 -0.62
C GLY C 81 21.61 -3.01 -2.08
N LEU C 82 20.51 -3.68 -2.46
CA LEU C 82 20.06 -3.64 -3.82
C LEU C 82 19.58 -2.27 -4.25
N LEU C 83 18.81 -1.57 -3.37
CA LEU C 83 18.38 -0.27 -3.69
C LEU C 83 19.52 0.77 -3.84
N ALA C 84 20.53 0.63 -3.00
CA ALA C 84 21.69 1.48 -3.11
C ALA C 84 22.44 1.22 -4.41
N GLU C 85 22.75 -0.03 -4.70
CA GLU C 85 23.57 -0.39 -5.87
C GLU C 85 22.86 -0.11 -7.14
N ARG C 86 21.59 -0.51 -7.21
CA ARG C 86 20.84 -0.39 -8.47
C ARG C 86 20.08 0.89 -8.71
N LEU C 87 19.51 1.48 -7.65
CA LEU C 87 18.77 2.69 -7.75
C LEU C 87 19.44 3.95 -7.19
N ARG C 88 20.62 3.78 -6.58
CA ARG C 88 21.41 4.86 -6.00
C ARG C 88 20.67 5.58 -4.87
N ILE C 89 19.92 4.82 -4.10
CA ILE C 89 19.21 5.35 -2.95
C ILE C 89 20.01 5.03 -1.64
N SER C 90 20.30 6.08 -0.89
CA SER C 90 20.97 5.86 0.37
C SER C 90 20.15 5.00 1.31
N PRO C 91 20.78 4.03 1.99
CA PRO C 91 20.02 3.16 2.91
C PRO C 91 19.24 3.87 3.98
N ASP C 92 19.75 4.99 4.43
CA ASP C 92 19.11 5.79 5.48
C ASP C 92 17.92 6.64 5.01
N ARG C 93 17.56 6.45 3.74
CA ARG C 93 16.37 7.07 3.12
C ARG C 93 15.44 6.00 2.62
N VAL C 94 15.47 4.86 3.26
CA VAL C 94 14.58 3.72 2.94
C VAL C 94 13.88 3.22 4.19
N TYR C 95 12.55 3.04 4.11
CA TYR C 95 11.84 2.21 5.07
C TYR C 95 11.32 0.98 4.38
N ILE C 96 11.42 -0.11 5.10
CA ILE C 96 10.79 -1.42 4.68
C ILE C 96 9.88 -1.90 5.78
N ASN C 97 8.57 -1.92 5.54
CA ASN C 97 7.65 -2.49 6.48
C ASN C 97 7.50 -4.01 6.19
N TYR C 98 7.72 -4.81 7.22
CA TYR C 98 7.63 -6.28 7.15
C TYR C 98 6.30 -6.69 7.75
N TYR C 99 5.61 -7.65 7.09
CA TYR C 99 4.35 -8.13 7.52
C TYR C 99 4.39 -9.67 7.51
N ASP C 100 4.15 -10.26 8.67
CA ASP C 100 4.05 -11.72 8.79
C ASP C 100 2.55 -11.99 8.69
N MET C 101 2.09 -12.39 7.50
CA MET C 101 0.66 -12.55 7.30
C MET C 101 0.16 -13.92 7.76
N ASN C 102 -0.99 -13.93 8.39
CA ASN C 102 -1.68 -15.20 8.69
C ASN C 102 -2.10 -15.82 7.37
N ALA C 103 -1.85 -17.13 7.22
CA ALA C 103 -2.23 -17.78 5.93
C ALA C 103 -3.72 -17.61 5.56
N ALA C 104 -4.60 -17.53 6.54
CA ALA C 104 -6.04 -17.27 6.31
C ALA C 104 -6.32 -15.88 5.73
N ASN C 105 -5.34 -14.99 5.88
CA ASN C 105 -5.46 -13.59 5.41
C ASN C 105 -4.73 -13.33 4.11
N VAL C 106 -4.33 -14.37 3.38
CA VAL C 106 -3.70 -14.22 2.09
C VAL C 106 -4.51 -15.02 1.09
N GLY C 107 -5.18 -14.30 0.17
CA GLY C 107 -5.93 -14.90 -0.88
C GLY C 107 -5.07 -15.12 -2.09
N TRP C 108 -5.33 -16.24 -2.77
CA TRP C 108 -4.63 -16.65 -3.97
C TRP C 108 -5.50 -17.70 -4.72
N ASN C 109 -5.62 -17.56 -6.01
CA ASN C 109 -6.39 -18.54 -6.79
C ASN C 109 -7.64 -19.10 -6.11
N ASN C 110 -8.59 -18.23 -5.86
CA ASN C 110 -9.90 -18.64 -5.43
C ASN C 110 -9.99 -19.28 -4.05
N SER C 111 -8.98 -19.05 -3.25
CA SER C 111 -8.91 -19.58 -1.90
C SER C 111 -7.77 -18.91 -1.14
N THR C 112 -7.62 -19.25 0.13
CA THR C 112 -6.58 -18.68 0.98
C THR C 112 -5.57 -19.77 1.30
N PHE C 113 -4.44 -19.37 1.85
CA PHE C 113 -3.38 -20.35 2.08
C PHE C 113 -3.60 -21.18 3.32
N ALA C 114 -4.68 -20.91 4.03
CA ALA C 114 -4.97 -21.64 5.32
C ALA C 114 -5.28 -23.11 5.02
#